data_8CVN
#
_entry.id   8CVN
#
_cell.length_a   1.00
_cell.length_b   1.00
_cell.length_c   1.00
_cell.angle_alpha   90.00
_cell.angle_beta   90.00
_cell.angle_gamma   90.00
#
_symmetry.space_group_name_H-M   'P 1'
#
loop_
_entity.id
_entity.type
_entity.pdbx_description
1 polymer '15-hydroxyprostaglandin dehydrogenase [NAD(+)]'
2 non-polymer '1,4-DIHYDRONICOTINAMIDE ADENINE DINUCLEOTIDE'
3 non-polymer 2-[butyl(oxidanyl)-$l^{3}-sulfanyl]-4-(2,3-dimethylimidazol-4-yl)-6-(1,3-thiazol-2-yl)thieno[2,3-b]pyridin-3-amine
#
_entity_poly.entity_id   1
_entity_poly.type   'polypeptide(L)'
_entity_poly.pdbx_seq_one_letter_code
;HMVNGKVALVTGAAQGIGRAFAEALLLKGAKVALVDWNLEAGVQCKAALDEQFEPQKTLFIQCDVADQQQLRDTFRKVVD
HFGRLDILVNNAGVNNEKNWEKTLQINLVSVISGTYLGLDYMSKQNGGEGGIIINMSSLAGLMPVAQQPVYCASKHGIVG
FTRSAALAANLMNSGVRLNAICPGFVNTAILESIEKEENMGQYIEYKDHIKDMIKYYGILDPPLIANGLITLIEDDALNG
AIMKITTSKGIHFQDY
;
_entity_poly.pdbx_strand_id   A,B
#
loop_
_chem_comp.id
_chem_comp.type
_chem_comp.name
_chem_comp.formula
NAI non-polymer '1,4-DIHYDRONICOTINAMIDE ADENINE DINUCLEOTIDE' 'C21 H29 N7 O14 P2'
SWL non-polymer 2-[butyl(oxidanyl)-$l^{3}-sulfanyl]-4-(2,3-dimethylimidazol-4-yl)-6-(1,3-thiazol-2-yl)thieno[2,3-b]pyridin-3-amine 'C19 H23 N5 O S3'
#
# COMPACT_ATOMS: atom_id res chain seq x y z
N HIS A 1 22.83 21.01 18.53
CA HIS A 1 22.22 21.13 17.18
C HIS A 1 20.72 20.85 17.27
N MET A 2 20.15 20.28 16.21
CA MET A 2 18.73 19.99 16.17
C MET A 2 18.37 18.72 16.93
N VAL A 3 19.29 18.17 17.71
CA VAL A 3 19.06 16.95 18.46
C VAL A 3 19.01 17.21 19.96
N ASN A 4 19.87 18.08 20.47
CA ASN A 4 19.94 18.33 21.90
C ASN A 4 18.68 19.03 22.39
N GLY A 5 18.18 18.57 23.54
CA GLY A 5 17.01 19.18 24.13
C GLY A 5 15.72 18.97 23.39
N LYS A 6 15.64 17.92 22.58
CA LYS A 6 14.47 17.65 21.77
C LYS A 6 13.84 16.32 22.20
N VAL A 7 12.53 16.24 22.02
CA VAL A 7 11.75 15.08 22.42
C VAL A 7 11.46 14.22 21.20
N ALA A 8 11.70 12.92 21.33
CA ALA A 8 11.50 11.96 20.24
C ALA A 8 10.59 10.84 20.70
N LEU A 9 9.64 10.49 19.85
CA LEU A 9 8.74 9.36 20.05
C LEU A 9 9.06 8.30 19.00
N VAL A 10 9.45 7.11 19.46
CA VAL A 10 9.88 6.03 18.58
C VAL A 10 8.98 4.82 18.80
N THR A 11 8.48 4.24 17.72
CA THR A 11 7.65 3.05 17.82
C THR A 11 8.47 1.79 17.62
N GLY A 12 8.09 0.73 18.32
CA GLY A 12 8.78 -0.55 18.24
C GLY A 12 10.20 -0.49 18.74
N ALA A 13 10.40 0.14 19.90
CA ALA A 13 11.73 0.40 20.43
C ALA A 13 12.16 -0.58 21.50
N ALA A 14 11.39 -1.66 21.72
CA ALA A 14 11.79 -2.65 22.72
C ALA A 14 13.05 -3.39 22.30
N GLN A 15 13.17 -3.72 21.02
CA GLN A 15 14.29 -4.52 20.54
C GLN A 15 14.62 -4.12 19.11
N GLY A 16 15.87 -4.36 18.73
CA GLY A 16 16.29 -4.19 17.36
C GLY A 16 16.56 -2.77 16.92
N ILE A 17 16.04 -2.45 15.74
CA ILE A 17 16.34 -1.16 15.10
C ILE A 17 15.81 -0.02 15.94
N GLY A 18 14.62 -0.18 16.52
CA GLY A 18 14.09 0.87 17.37
C GLY A 18 14.94 1.12 18.60
N ARG A 19 15.42 0.04 19.23
CA ARG A 19 16.30 0.19 20.37
C ARG A 19 17.59 0.90 19.99
N ALA A 20 18.15 0.55 18.82
CA ALA A 20 19.35 1.25 18.35
C ALA A 20 19.07 2.73 18.13
N PHE A 21 17.93 3.05 17.52
CA PHE A 21 17.54 4.45 17.35
C PHE A 21 17.51 5.17 18.68
N ALA A 22 16.85 4.56 19.67
CA ALA A 22 16.71 5.21 20.97
C ALA A 22 18.07 5.41 21.62
N GLU A 23 18.95 4.42 21.52
CA GLU A 23 20.28 4.55 22.12
C GLU A 23 21.05 5.68 21.47
N ALA A 24 21.00 5.78 20.14
CA ALA A 24 21.71 6.85 19.46
C ALA A 24 21.17 8.21 19.87
N LEU A 25 19.84 8.34 19.91
CA LEU A 25 19.23 9.62 20.27
C LEU A 25 19.59 10.01 21.70
N LEU A 26 19.56 9.06 22.63
CA LEU A 26 19.93 9.37 24.00
C LEU A 26 21.39 9.77 24.11
N LEU A 27 22.25 9.10 23.34
CA LEU A 27 23.67 9.47 23.34
C LEU A 27 23.87 10.88 22.83
N LYS A 28 23.10 11.30 21.83
CA LYS A 28 23.24 12.66 21.31
C LYS A 28 22.62 13.71 22.22
N GLY A 29 21.85 13.31 23.23
CA GLY A 29 21.36 14.22 24.23
C GLY A 29 19.89 14.55 24.16
N ALA A 30 19.03 13.58 23.89
CA ALA A 30 17.60 13.81 23.72
C ALA A 30 16.80 13.05 24.77
N LYS A 31 15.52 13.38 24.84
CA LYS A 31 14.56 12.70 25.70
C LYS A 31 13.67 11.84 24.83
N VAL A 32 13.49 10.58 25.22
CA VAL A 32 12.92 9.56 24.35
C VAL A 32 11.77 8.85 25.03
N ALA A 33 10.70 8.63 24.27
CA ALA A 33 9.57 7.80 24.68
C ALA A 33 9.58 6.53 23.85
N LEU A 34 9.50 5.39 24.52
CA LEU A 34 9.58 4.07 23.89
C LEU A 34 8.19 3.44 23.88
N VAL A 35 7.71 3.09 22.69
CA VAL A 35 6.38 2.52 22.51
C VAL A 35 6.52 1.13 21.93
N ASP A 36 5.96 0.14 22.62
CA ASP A 36 5.94 -1.23 22.16
C ASP A 36 4.78 -1.96 22.81
N TRP A 37 4.31 -3.03 22.18
CA TRP A 37 3.21 -3.83 22.77
C TRP A 37 3.76 -4.91 23.72
N ASN A 38 5.06 -5.21 23.63
CA ASN A 38 5.67 -6.22 24.48
C ASN A 38 6.14 -5.53 25.77
N LEU A 39 5.43 -5.78 26.86
CA LEU A 39 5.71 -5.07 28.11
C LEU A 39 7.05 -5.47 28.70
N GLU A 40 7.27 -6.79 28.80
CA GLU A 40 8.52 -7.29 29.46
C GLU A 40 9.75 -6.76 28.70
N ALA A 41 9.74 -6.86 27.37
CA ALA A 41 10.89 -6.42 26.59
C ALA A 41 11.13 -4.93 26.77
N GLY A 42 10.07 -4.13 26.76
CA GLY A 42 10.22 -2.70 26.95
C GLY A 42 10.76 -2.35 28.33
N VAL A 43 10.26 -3.03 29.36
CA VAL A 43 10.73 -2.77 30.71
C VAL A 43 12.21 -3.13 30.83
N GLN A 44 12.60 -4.26 30.26
CA GLN A 44 14.01 -4.66 30.30
C GLN A 44 14.88 -3.67 29.54
N CYS A 45 14.41 -3.21 28.39
CA CYS A 45 15.15 -2.20 27.62
C CYS A 45 15.32 -0.92 28.42
N LYS A 46 14.25 -0.45 29.06
CA LYS A 46 14.36 0.77 29.84
C LYS A 46 15.33 0.60 31.00
N ALA A 47 15.30 -0.55 31.66
CA ALA A 47 16.26 -0.82 32.73
C ALA A 47 17.69 -0.80 32.19
N ALA A 48 17.90 -1.39 31.02
CA ALA A 48 19.24 -1.39 30.43
C ALA A 48 19.72 0.02 30.12
N LEU A 49 18.82 0.85 29.57
CA LEU A 49 19.20 2.22 29.26
C LEU A 49 19.37 3.06 30.52
N ASP A 50 18.63 2.74 31.57
CA ASP A 50 18.76 3.47 32.83
C ASP A 50 20.12 3.27 33.50
N GLU A 51 20.89 2.27 33.08
CA GLU A 51 22.22 2.06 33.61
C GLU A 51 23.27 2.92 32.91
N GLN A 52 22.94 3.51 31.76
CA GLN A 52 23.84 4.38 31.01
C GLN A 52 23.48 5.85 31.18
N PHE A 53 22.27 6.21 30.78
CA PHE A 53 21.81 7.60 30.86
C PHE A 53 21.02 7.85 32.15
N GLU A 54 20.54 9.08 32.36
CA GLU A 54 19.67 9.37 33.54
C GLU A 54 18.27 8.82 33.26
N PRO A 55 17.54 8.32 34.29
CA PRO A 55 16.22 7.69 34.09
C PRO A 55 15.15 8.64 33.52
N GLN A 56 15.15 9.92 33.93
CA GLN A 56 14.09 10.88 33.51
C GLN A 56 14.09 11.06 31.99
N LYS A 57 15.28 11.07 31.36
CA LYS A 57 15.39 11.28 29.89
C LYS A 57 14.68 10.16 29.13
N THR A 58 14.08 9.20 29.82
CA THR A 58 13.44 8.08 29.16
C THR A 58 12.06 7.83 29.75
N LEU A 59 11.12 7.45 28.88
CA LEU A 59 9.79 7.01 29.30
C LEU A 59 9.40 5.80 28.47
N PHE A 60 8.57 4.93 29.05
CA PHE A 60 8.06 3.76 28.36
C PHE A 60 6.55 3.73 28.44
N ILE A 61 5.89 3.49 27.31
CA ILE A 61 4.44 3.37 27.23
C ILE A 61 4.09 2.12 26.43
N GLN A 62 3.17 1.31 26.94
CA GLN A 62 2.67 0.14 26.26
C GLN A 62 1.45 0.51 25.41
N CYS A 63 1.50 0.12 24.15
CA CYS A 63 0.42 0.44 23.21
C CYS A 63 0.44 -0.42 21.97
N ASP A 64 -0.72 -0.81 21.46
CA ASP A 64 -0.83 -1.42 20.14
C ASP A 64 -1.11 -0.31 19.12
N VAL A 65 -0.19 -0.15 18.16
CA VAL A 65 -0.30 0.96 17.21
C VAL A 65 -1.50 0.80 16.29
N ALA A 66 -2.00 -0.42 16.09
CA ALA A 66 -3.17 -0.61 15.25
C ALA A 66 -4.39 0.09 15.84
N ASP A 67 -4.55 0.02 17.16
CA ASP A 67 -5.66 0.70 17.82
C ASP A 67 -5.40 2.20 17.82
N GLN A 68 -6.29 2.95 17.16
CA GLN A 68 -6.07 4.39 17.00
C GLN A 68 -6.16 5.12 18.33
N GLN A 69 -7.13 4.74 19.17
CA GLN A 69 -7.31 5.44 20.45
C GLN A 69 -6.08 5.28 21.33
N GLN A 70 -5.48 4.09 21.32
CA GLN A 70 -4.26 3.89 22.10
C GLN A 70 -3.14 4.80 21.63
N LEU A 71 -3.02 4.97 20.31
CA LEU A 71 -2.00 5.87 19.78
C LEU A 71 -2.26 7.31 20.18
N ARG A 72 -3.51 7.73 20.10
CA ARG A 72 -3.93 9.09 20.49
C ARG A 72 -3.69 9.34 21.96
N ASP A 73 -3.90 8.36 22.83
CA ASP A 73 -3.67 8.48 24.27
C ASP A 73 -2.16 8.45 24.50
N THR A 74 -1.41 7.75 23.65
CA THR A 74 0.03 7.64 23.70
C THR A 74 0.66 8.94 23.32
N PHE A 75 0.19 9.60 22.26
CA PHE A 75 0.75 10.90 21.80
C PHE A 75 0.47 11.92 22.90
N ARG A 76 -0.71 12.00 23.45
CA ARG A 76 -1.12 12.96 24.49
C ARG A 76 -0.37 12.72 25.79
N LYS A 77 -0.05 11.47 26.16
CA LYS A 77 0.64 11.14 27.43
C LYS A 77 2.05 11.66 27.30
N VAL A 78 2.68 11.52 26.15
CA VAL A 78 4.05 11.96 25.88
C VAL A 78 4.14 13.48 25.99
N VAL A 79 3.22 14.18 25.32
CA VAL A 79 3.28 15.64 25.34
C VAL A 79 3.02 16.18 26.74
N ASP A 80 2.02 15.65 27.44
CA ASP A 80 1.72 16.13 28.78
C ASP A 80 2.85 15.84 29.76
N HIS A 81 3.72 14.88 29.45
CA HIS A 81 4.83 14.56 30.34
C HIS A 81 6.05 15.42 30.04
N PHE A 82 6.45 15.53 28.77
CA PHE A 82 7.65 16.28 28.45
C PHE A 82 7.36 17.76 28.19
N GLY A 83 6.49 18.06 27.24
CA GLY A 83 6.11 19.44 26.98
C GLY A 83 5.97 19.80 25.52
N ARG A 84 6.70 19.07 24.66
CA ARG A 84 6.58 19.29 23.20
C ARG A 84 7.04 18.01 22.48
N LEU A 85 6.63 17.81 21.22
CA LEU A 85 7.12 16.67 20.43
C LEU A 85 7.87 17.25 19.28
N ASP A 86 9.10 16.82 19.02
CA ASP A 86 9.99 17.37 17.98
C ASP A 86 10.39 16.32 16.96
N ILE A 87 10.52 15.03 17.30
CA ILE A 87 10.93 13.96 16.39
C ILE A 87 9.95 12.80 16.54
N LEU A 88 9.51 12.26 15.41
CA LEU A 88 8.66 11.06 15.40
C LEU A 88 9.28 10.01 14.49
N VAL A 89 9.31 8.77 14.96
CA VAL A 89 9.84 7.64 14.20
C VAL A 89 8.82 6.51 14.26
N ASN A 90 8.33 6.11 13.09
CA ASN A 90 7.36 5.02 12.95
C ASN A 90 8.11 3.82 12.36
N ASN A 91 8.41 2.85 13.22
CA ASN A 91 9.28 1.74 12.86
C ASN A 91 8.67 0.36 13.11
N ALA A 92 7.60 0.26 13.90
CA ALA A 92 7.02 -1.03 14.21
C ALA A 92 6.57 -1.75 12.94
N GLY A 93 6.76 -3.07 12.93
CA GLY A 93 6.38 -3.88 11.79
C GLY A 93 6.44 -5.35 12.12
N VAL A 94 5.78 -6.14 11.27
CA VAL A 94 5.73 -7.60 11.41
C VAL A 94 5.81 -8.22 10.02
N ASN A 95 5.89 -9.55 10.00
CA ASN A 95 5.87 -10.31 8.76
C ASN A 95 5.00 -11.54 8.97
N ASN A 96 3.82 -11.56 8.34
CA ASN A 96 2.92 -12.70 8.44
C ASN A 96 2.00 -12.69 7.23
N GLU A 97 2.22 -13.62 6.31
CA GLU A 97 1.38 -13.75 5.13
C GLU A 97 0.13 -14.58 5.38
N LYS A 98 0.15 -15.47 6.38
CA LYS A 98 -1.06 -16.21 6.74
C LYS A 98 -2.14 -15.26 7.22
N ASN A 99 -1.82 -14.41 8.19
CA ASN A 99 -2.72 -13.35 8.65
C ASN A 99 -2.33 -12.01 8.04
N TRP A 100 -2.57 -11.93 6.73
CA TRP A 100 -2.03 -10.84 5.87
C TRP A 100 -2.80 -9.54 6.13
N GLU A 101 -3.97 -9.64 6.75
CA GLU A 101 -4.80 -8.47 7.04
C GLU A 101 -4.22 -7.69 8.22
N LYS A 102 -3.81 -8.39 9.27
CA LYS A 102 -3.20 -7.74 10.42
C LYS A 102 -1.86 -7.12 10.05
N THR A 103 -1.09 -7.79 9.19
CA THR A 103 0.18 -7.26 8.75
C THR A 103 -0.01 -5.95 8.01
N LEU A 104 -0.98 -5.90 7.10
CA LEU A 104 -1.27 -4.67 6.37
C LEU A 104 -1.72 -3.58 7.34
N GLN A 105 -2.56 -3.93 8.31
CA GLN A 105 -3.03 -2.94 9.27
C GLN A 105 -1.90 -2.35 10.09
N ILE A 106 -0.99 -3.19 10.58
CA ILE A 106 0.09 -2.72 11.43
C ILE A 106 1.10 -1.92 10.62
N ASN A 107 1.49 -2.43 9.45
CA ASN A 107 2.63 -1.85 8.73
C ASN A 107 2.27 -0.52 8.08
N LEU A 108 1.09 -0.43 7.48
CA LEU A 108 0.73 0.71 6.64
C LEU A 108 -0.21 1.70 7.33
N VAL A 109 -1.34 1.21 7.84
CA VAL A 109 -2.35 2.11 8.40
C VAL A 109 -1.79 2.88 9.59
N SER A 110 -1.09 2.17 10.49
CA SER A 110 -0.59 2.81 11.70
C SER A 110 0.40 3.92 11.37
N VAL A 111 1.21 3.73 10.33
CA VAL A 111 2.18 4.74 9.95
C VAL A 111 1.47 6.04 9.56
N ILE A 112 0.44 5.93 8.74
CA ILE A 112 -0.31 7.10 8.30
C ILE A 112 -1.00 7.76 9.50
N SER A 113 -1.60 6.94 10.35
CA SER A 113 -2.32 7.49 11.54
C SER A 113 -1.33 8.25 12.44
N GLY A 114 -0.12 7.70 12.62
CA GLY A 114 0.86 8.37 13.46
C GLY A 114 1.40 9.64 12.82
N THR A 115 1.60 9.59 11.51
CA THR A 115 2.05 10.77 10.75
C THR A 115 1.03 11.89 10.95
N TYR A 116 -0.24 11.59 10.81
CA TYR A 116 -1.29 12.62 10.95
C TYR A 116 -1.34 13.11 12.39
N LEU A 117 -1.24 12.21 13.35
CA LEU A 117 -1.32 12.57 14.78
C LEU A 117 -0.14 13.46 15.10
N GLY A 118 1.00 13.20 14.51
CA GLY A 118 2.19 14.03 14.70
C GLY A 118 2.12 15.39 14.07
N LEU A 119 1.53 15.52 12.90
CA LEU A 119 1.36 16.83 12.23
C LEU A 119 0.38 17.67 13.03
N ASP A 120 -0.55 17.02 13.70
CA ASP A 120 -1.55 17.72 14.53
C ASP A 120 -0.88 18.43 15.71
N TYR A 121 0.31 18.01 16.11
CA TYR A 121 1.00 18.59 17.29
C TYR A 121 2.18 19.43 16.81
N MET A 122 2.93 18.95 15.82
CA MET A 122 4.17 19.64 15.41
C MET A 122 3.91 20.85 14.50
N SER A 123 2.77 20.88 13.79
CA SER A 123 2.55 22.01 12.83
C SER A 123 2.45 23.52 13.28
N LYS A 124 3.05 24.37 12.43
CA LYS A 124 3.07 25.81 12.77
C LYS A 124 1.64 26.34 12.86
N GLN A 125 0.77 25.89 11.95
CA GLN A 125 -0.65 26.37 11.93
C GLN A 125 -1.31 26.07 13.27
N ASN A 126 -0.93 24.98 13.94
CA ASN A 126 -1.60 24.59 15.17
C ASN A 126 -0.79 24.98 16.41
N GLY A 127 0.17 25.89 16.26
CA GLY A 127 0.94 26.41 17.38
C GLY A 127 2.33 25.83 17.54
N GLY A 128 2.71 24.84 16.74
CA GLY A 128 3.98 24.18 16.89
C GLY A 128 5.14 24.96 16.31
N GLU A 129 6.33 24.38 16.51
CA GLU A 129 7.57 24.94 15.98
C GLU A 129 8.26 23.96 15.04
N GLY A 130 7.49 23.08 14.43
CA GLY A 130 8.03 22.18 13.43
C GLY A 130 8.73 20.97 14.02
N GLY A 131 9.35 20.20 13.14
CA GLY A 131 10.05 19.00 13.54
C GLY A 131 10.23 18.07 12.35
N ILE A 132 10.51 16.79 12.66
CA ILE A 132 10.80 15.80 11.60
C ILE A 132 10.15 14.45 11.90
N ILE A 133 9.48 13.86 10.91
CA ILE A 133 8.84 12.55 10.98
C ILE A 133 9.57 11.61 10.02
N ILE A 134 9.93 10.42 10.52
CA ILE A 134 10.61 9.41 9.75
C ILE A 134 9.80 8.13 9.81
N ASN A 135 9.58 7.51 8.66
CA ASN A 135 8.84 6.26 8.54
C ASN A 135 9.74 5.19 7.97
N MET A 136 9.71 4.00 8.57
CA MET A 136 10.61 2.93 8.19
C MET A 136 9.98 2.07 7.09
N SER A 137 10.74 1.85 6.03
CA SER A 137 10.32 0.97 4.94
C SER A 137 11.38 -0.10 4.72
N SER A 138 11.31 -0.80 3.60
CA SER A 138 12.28 -1.82 3.25
C SER A 138 12.58 -1.75 1.77
N LEU A 139 13.66 -2.43 1.37
CA LEU A 139 13.95 -2.59 -0.04
C LEU A 139 12.84 -3.35 -0.75
N ALA A 140 12.02 -4.09 0.00
CA ALA A 140 10.84 -4.72 -0.57
C ALA A 140 9.82 -3.70 -1.05
N GLY A 141 9.96 -2.44 -0.62
CA GLY A 141 9.13 -1.36 -1.12
C GLY A 141 9.53 -0.81 -2.45
N LEU A 142 10.65 -1.29 -3.01
CA LEU A 142 11.08 -0.90 -4.34
C LEU A 142 11.30 -2.07 -5.29
N MET A 143 11.41 -3.29 -4.79
CA MET A 143 11.54 -4.47 -5.62
C MET A 143 10.53 -5.52 -5.17
N PRO A 144 10.10 -6.40 -6.07
CA PRO A 144 9.13 -7.42 -5.70
C PRO A 144 9.77 -8.65 -5.08
N VAL A 145 8.99 -9.34 -4.24
CA VAL A 145 9.42 -10.54 -3.54
C VAL A 145 8.31 -11.58 -3.68
N ALA A 146 8.66 -12.74 -4.23
CA ALA A 146 7.65 -13.76 -4.49
C ALA A 146 7.00 -14.26 -3.21
N GLN A 147 7.81 -14.49 -2.18
CA GLN A 147 7.28 -15.15 -0.95
C GLN A 147 6.69 -14.14 0.04
N GLN A 148 6.73 -12.83 -0.25
CA GLN A 148 6.20 -11.90 0.75
C GLN A 148 5.27 -10.97 0.00
N PRO A 149 4.20 -11.41 -0.71
CA PRO A 149 3.38 -10.50 -1.53
C PRO A 149 2.75 -9.37 -0.71
N VAL A 150 2.09 -9.70 0.40
CA VAL A 150 1.37 -8.63 1.18
C VAL A 150 2.39 -7.69 1.83
N TYR A 151 3.53 -8.22 2.30
CA TYR A 151 4.58 -7.39 2.90
C TYR A 151 5.14 -6.40 1.88
N CYS A 152 5.34 -6.79 0.62
CA CYS A 152 5.78 -5.85 -0.42
C CYS A 152 4.75 -4.76 -0.62
N ALA A 153 3.48 -5.09 -0.61
CA ALA A 153 2.40 -4.11 -0.83
C ALA A 153 2.44 -2.97 0.18
N SER A 154 2.74 -3.24 1.43
CA SER A 154 2.75 -2.28 2.51
C SER A 154 3.93 -1.31 2.40
N LYS A 155 5.11 -1.83 2.07
CA LYS A 155 6.28 -0.95 1.96
C LYS A 155 6.13 0.02 0.80
N HIS A 156 5.61 -0.45 -0.34
CA HIS A 156 5.35 0.44 -1.46
C HIS A 156 4.39 1.55 -1.06
N GLY A 157 3.33 1.19 -0.35
CA GLY A 157 2.38 2.19 0.11
C GLY A 157 3.02 3.21 1.03
N ILE A 158 3.90 2.74 1.92
CA ILE A 158 4.58 3.67 2.83
C ILE A 158 5.41 4.67 2.04
N VAL A 159 6.14 4.17 1.05
CA VAL A 159 6.99 5.04 0.24
C VAL A 159 6.14 6.10 -0.45
N GLY A 160 5.05 5.67 -1.09
CA GLY A 160 4.21 6.61 -1.79
C GLY A 160 3.61 7.66 -0.87
N PHE A 161 3.09 7.22 0.28
CA PHE A 161 2.48 8.15 1.22
C PHE A 161 3.50 9.16 1.72
N THR A 162 4.71 8.72 2.04
CA THR A 162 5.72 9.65 2.54
C THR A 162 6.08 10.67 1.47
N ARG A 163 6.27 10.22 0.23
CA ARG A 163 6.63 11.15 -0.83
C ARG A 163 5.53 12.18 -1.06
N SER A 164 4.28 11.75 -1.03
CA SER A 164 3.18 12.70 -1.25
C SER A 164 3.05 13.67 -0.08
N ALA A 165 3.14 13.17 1.15
CA ALA A 165 2.95 14.02 2.32
C ALA A 165 4.05 15.05 2.45
N ALA A 166 5.27 14.74 1.98
CA ALA A 166 6.32 15.74 2.00
C ALA A 166 5.92 16.98 1.21
N LEU A 167 5.44 16.78 -0.03
CA LEU A 167 5.00 17.89 -0.85
C LEU A 167 3.79 18.59 -0.24
N ALA A 168 2.87 17.81 0.33
CA ALA A 168 1.71 18.42 0.97
C ALA A 168 2.13 19.36 2.10
N ALA A 169 3.08 18.91 2.93
CA ALA A 169 3.57 19.75 4.01
C ALA A 169 4.29 20.97 3.48
N ASN A 170 5.06 20.83 2.40
CA ASN A 170 5.72 21.99 1.82
C ASN A 170 4.70 23.03 1.38
N LEU A 171 3.59 22.58 0.78
CA LEU A 171 2.54 23.51 0.38
C LEU A 171 1.88 24.16 1.59
N MET A 172 1.50 23.45 2.65
CA MET A 172 0.73 24.03 3.81
C MET A 172 1.49 24.99 4.75
N ASN A 173 2.79 25.19 4.67
CA ASN A 173 3.67 26.03 5.54
C ASN A 173 3.65 25.47 6.96
N SER A 174 3.75 24.17 7.11
CA SER A 174 3.74 23.41 8.38
C SER A 174 5.05 23.41 9.14
N GLY A 175 6.22 23.58 8.51
CA GLY A 175 7.49 23.49 9.20
C GLY A 175 7.90 22.09 9.57
N VAL A 176 7.41 21.09 8.86
CA VAL A 176 7.69 19.69 9.17
C VAL A 176 8.30 19.03 7.94
N ARG A 177 9.32 18.21 8.16
CA ARG A 177 10.00 17.47 7.12
C ARG A 177 9.71 15.98 7.26
N LEU A 178 9.52 15.30 6.13
CA LEU A 178 9.16 13.89 6.10
C LEU A 178 10.11 13.13 5.19
N ASN A 179 10.67 12.04 5.70
CA ASN A 179 11.58 11.19 4.96
C ASN A 179 11.43 9.76 5.42
N ALA A 180 11.96 8.84 4.62
CA ALA A 180 11.84 7.41 4.88
C ALA A 180 13.17 6.71 4.69
N ILE A 181 13.31 5.55 5.33
CA ILE A 181 14.50 4.73 5.28
C ILE A 181 14.15 3.36 4.70
N CYS A 182 15.01 2.84 3.83
CA CYS A 182 14.78 1.58 3.12
C CYS A 182 16.00 0.69 3.31
N PRO A 183 16.10 -0.03 4.42
CA PRO A 183 17.28 -0.85 4.68
C PRO A 183 17.21 -2.20 3.97
N GLY A 184 18.36 -2.87 3.94
CA GLY A 184 18.46 -4.24 3.52
C GLY A 184 18.30 -5.20 4.69
N PHE A 185 18.81 -6.41 4.50
CA PHE A 185 18.73 -7.41 5.55
C PHE A 185 19.43 -6.92 6.81
N VAL A 186 18.74 -7.03 7.94
CA VAL A 186 19.26 -6.60 9.24
C VAL A 186 19.16 -7.76 10.21
N ASN A 187 20.20 -7.93 11.02
CA ASN A 187 20.25 -9.04 11.96
C ASN A 187 19.28 -8.82 13.12
N THR A 188 18.08 -9.37 13.00
CA THR A 188 17.06 -9.27 14.02
C THR A 188 16.30 -10.58 14.09
N ALA A 189 15.38 -10.67 15.05
CA ALA A 189 14.57 -11.87 15.20
C ALA A 189 13.59 -12.08 14.05
N ILE A 190 13.27 -11.02 13.30
CA ILE A 190 12.28 -11.12 12.25
C ILE A 190 12.71 -12.15 11.21
N LEU A 191 14.01 -12.31 10.98
CA LEU A 191 14.48 -13.30 10.03
C LEU A 191 14.04 -14.70 10.42
N GLU A 192 14.02 -15.00 11.72
CA GLU A 192 13.57 -16.31 12.17
C GLU A 192 12.14 -16.62 11.75
N SER A 193 11.35 -15.59 11.45
CA SER A 193 9.99 -15.81 10.98
C SER A 193 9.94 -16.54 9.64
N ILE A 194 11.05 -16.58 8.91
CA ILE A 194 11.06 -17.21 7.60
C ILE A 194 10.89 -18.73 7.72
N GLU A 195 11.43 -19.32 8.77
CA GLU A 195 11.58 -20.77 8.85
C GLU A 195 10.37 -21.49 9.43
N LYS A 196 9.32 -20.70 9.75
CA LYS A 196 8.08 -21.18 10.39
C LYS A 196 6.87 -21.01 9.48
N GLU A 197 6.11 -22.06 9.21
CA GLU A 197 4.87 -22.05 8.40
C GLU A 197 3.76 -21.18 9.01
N GLU A 198 3.70 -21.02 10.34
CA GLU A 198 2.76 -20.14 11.00
C GLU A 198 2.89 -18.72 10.46
N ASN A 199 4.08 -18.27 10.12
CA ASN A 199 4.32 -16.93 9.55
C ASN A 199 4.28 -16.95 8.03
N MET A 200 4.69 -18.02 7.36
CA MET A 200 4.81 -18.05 5.87
C MET A 200 3.59 -18.61 5.16
N GLY A 201 2.98 -19.66 5.66
CA GLY A 201 1.78 -20.27 5.08
C GLY A 201 2.09 -21.11 3.87
N GLN A 202 1.42 -20.86 2.73
CA GLN A 202 1.64 -21.59 1.50
C GLN A 202 2.98 -21.32 0.85
N TYR A 203 3.71 -20.31 1.31
CA TYR A 203 4.99 -19.93 0.74
C TYR A 203 6.17 -20.57 1.45
N ILE A 204 5.94 -21.44 2.43
CA ILE A 204 7.05 -22.02 3.18
C ILE A 204 7.93 -22.88 2.30
N GLU A 205 7.35 -23.58 1.33
CA GLU A 205 8.10 -24.48 0.48
C GLU A 205 9.13 -23.78 -0.38
N TYR A 206 9.21 -22.45 -0.35
CA TYR A 206 10.11 -21.68 -1.19
C TYR A 206 10.95 -20.71 -0.37
N LYS A 207 11.23 -21.07 0.88
CA LYS A 207 12.04 -20.19 1.77
C LYS A 207 13.53 -20.33 1.45
N ASP A 208 13.94 -21.43 0.82
CA ASP A 208 15.36 -21.64 0.54
C ASP A 208 15.90 -20.55 -0.35
N HIS A 209 15.06 -19.96 -1.20
CA HIS A 209 15.51 -18.87 -2.06
C HIS A 209 15.92 -17.66 -1.22
N ILE A 210 15.08 -17.29 -0.25
CA ILE A 210 15.42 -16.18 0.63
C ILE A 210 16.66 -16.50 1.44
N LYS A 211 16.77 -17.77 1.88
CA LYS A 211 17.95 -18.20 2.68
C LYS A 211 19.22 -18.05 1.84
N ASP A 212 19.18 -18.45 0.57
CA ASP A 212 20.34 -18.36 -0.31
C ASP A 212 20.69 -16.90 -0.60
N MET A 213 19.68 -16.06 -0.80
CA MET A 213 19.94 -14.65 -1.08
C MET A 213 20.52 -13.95 0.14
N ILE A 214 20.08 -14.32 1.34
CA ILE A 214 20.72 -13.81 2.56
C ILE A 214 22.17 -14.25 2.62
N LYS A 215 22.44 -15.52 2.32
CA LYS A 215 23.82 -15.99 2.32
C LYS A 215 24.66 -15.19 1.34
N TYR A 216 24.10 -14.84 0.19
CA TYR A 216 24.82 -14.04 -0.79
C TYR A 216 25.09 -12.64 -0.25
N TYR A 217 24.05 -11.88 0.03
CA TYR A 217 24.22 -10.45 0.30
C TYR A 217 24.91 -10.22 1.64
N GLY A 218 24.45 -10.86 2.69
CA GLY A 218 24.95 -10.64 4.03
C GLY A 218 23.92 -9.93 4.90
N ILE A 219 24.30 -9.74 6.15
CA ILE A 219 23.43 -9.14 7.16
C ILE A 219 24.09 -7.89 7.71
N LEU A 220 23.29 -6.88 8.02
CA LEU A 220 23.79 -5.57 8.53
C LEU A 220 23.50 -5.46 10.03
N ASP A 221 24.44 -4.99 10.83
CA ASP A 221 24.30 -4.84 12.29
C ASP A 221 23.35 -3.70 12.66
N PRO A 222 22.48 -3.82 13.68
CA PRO A 222 21.52 -2.76 13.95
C PRO A 222 22.07 -1.34 14.22
N PRO A 223 23.25 -1.13 14.86
CA PRO A 223 23.81 0.19 15.01
C PRO A 223 24.03 1.06 13.76
N LEU A 224 24.43 0.48 12.64
CA LEU A 224 24.65 1.21 11.37
C LEU A 224 23.37 1.85 10.84
N ILE A 225 22.24 1.21 11.00
CA ILE A 225 20.94 1.78 10.56
C ILE A 225 20.65 3.05 11.33
N ALA A 226 21.01 3.13 12.61
CA ALA A 226 20.75 4.31 13.48
C ALA A 226 21.49 5.56 13.05
N ASN A 227 22.75 5.49 12.72
CA ASN A 227 23.56 6.58 12.17
C ASN A 227 22.88 7.22 10.98
N GLY A 228 22.23 6.42 10.13
CA GLY A 228 21.46 6.98 9.05
C GLY A 228 20.33 7.87 9.52
N LEU A 229 19.63 7.45 10.57
CA LEU A 229 18.57 8.27 11.13
C LEU A 229 19.12 9.59 11.65
N ILE A 230 20.25 9.54 12.35
CA ILE A 230 20.86 10.77 12.87
C ILE A 230 21.24 11.69 11.71
N THR A 231 21.80 11.12 10.65
CA THR A 231 22.16 11.93 9.49
C THR A 231 20.92 12.61 8.90
N LEU A 232 19.81 11.88 8.81
CA LEU A 232 18.59 12.49 8.32
C LEU A 232 18.15 13.65 9.21
N ILE A 233 18.19 13.45 10.53
CA ILE A 233 17.71 14.48 11.45
C ILE A 233 18.57 15.73 11.34
N GLU A 234 19.83 15.69 11.33
CA GLU A 234 20.67 16.92 11.40
C GLU A 234 20.69 17.70 10.08
N ASP A 235 20.24 17.04 8.95
CA ASP A 235 20.21 17.78 7.68
C ASP A 235 18.90 18.54 7.58
N ASP A 236 18.99 19.86 7.46
CA ASP A 236 17.80 20.70 7.44
C ASP A 236 17.07 20.64 6.11
N ALA A 237 17.81 20.52 5.00
CA ALA A 237 17.24 20.66 3.67
C ALA A 237 16.86 19.33 3.03
N LEU A 238 16.47 18.34 3.83
CA LEU A 238 16.08 17.03 3.32
C LEU A 238 14.61 16.80 3.64
N ASN A 239 13.79 16.75 2.60
CA ASN A 239 12.36 16.52 2.73
C ASN A 239 11.90 15.69 1.54
N GLY A 240 11.20 14.59 1.82
CA GLY A 240 10.75 13.71 0.77
C GLY A 240 11.82 12.81 0.18
N ALA A 241 12.87 12.50 0.94
CA ALA A 241 13.97 11.69 0.46
C ALA A 241 13.85 10.27 0.99
N ILE A 242 14.37 9.33 0.20
CA ILE A 242 14.36 7.91 0.55
C ILE A 242 15.81 7.45 0.71
N MET A 243 16.11 6.88 1.88
CA MET A 243 17.45 6.37 2.18
C MET A 243 17.51 4.87 1.96
N LYS A 244 18.60 4.41 1.35
CA LYS A 244 18.90 3.01 1.16
C LYS A 244 20.20 2.68 1.87
N ILE A 245 20.18 1.64 2.69
CA ILE A 245 21.37 1.17 3.41
C ILE A 245 21.70 -0.23 2.92
N THR A 246 22.93 -0.41 2.44
CA THR A 246 23.39 -1.69 1.92
C THR A 246 24.81 -1.96 2.39
N THR A 247 25.14 -3.25 2.52
CA THR A 247 26.46 -3.66 2.95
C THR A 247 27.51 -3.44 1.88
N SER A 248 27.11 -3.39 0.62
CA SER A 248 28.07 -3.21 -0.47
C SER A 248 28.38 -1.74 -0.71
N LYS A 249 27.37 -0.88 -0.65
CA LYS A 249 27.53 0.54 -0.94
C LYS A 249 27.61 1.38 0.32
N GLY A 250 26.59 1.29 1.17
CA GLY A 250 26.54 2.09 2.37
C GLY A 250 25.22 2.82 2.49
N ILE A 251 25.28 4.10 2.81
CA ILE A 251 24.10 4.96 2.90
C ILE A 251 24.02 5.77 1.63
N HIS A 252 22.94 5.59 0.85
CA HIS A 252 22.77 6.28 -0.41
C HIS A 252 21.29 6.65 -0.56
N PHE A 253 20.98 7.35 -1.64
CA PHE A 253 19.65 7.91 -1.84
C PHE A 253 19.07 7.47 -3.18
N GLN A 254 17.79 7.11 -3.16
CA GLN A 254 17.07 6.80 -4.39
C GLN A 254 16.89 8.06 -5.22
N ASP A 255 17.00 7.92 -6.54
CA ASP A 255 16.89 9.02 -7.47
C ASP A 255 15.66 8.83 -8.35
N TYR A 256 14.93 9.91 -8.58
CA TYR A 256 13.74 9.88 -9.42
C TYR A 256 13.89 10.87 -10.57
N HIS B 1 -10.74 -17.46 -29.74
CA HIS B 1 -9.42 -17.38 -29.05
C HIS B 1 -9.64 -17.59 -27.55
N MET B 2 -8.82 -16.95 -26.72
CA MET B 2 -8.91 -17.10 -25.27
C MET B 2 -10.03 -16.27 -24.66
N VAL B 3 -10.90 -15.70 -25.49
CA VAL B 3 -11.99 -14.86 -25.01
C VAL B 3 -13.34 -15.53 -25.21
N ASN B 4 -13.55 -16.21 -26.33
CA ASN B 4 -14.84 -16.81 -26.64
C ASN B 4 -15.13 -17.96 -25.69
N GLY B 5 -16.37 -18.02 -25.21
CA GLY B 5 -16.80 -19.09 -24.33
C GLY B 5 -16.18 -19.07 -22.96
N LYS B 6 -15.72 -17.92 -22.49
CA LYS B 6 -15.07 -17.80 -21.20
C LYS B 6 -15.89 -16.90 -20.29
N VAL B 7 -15.78 -17.15 -18.99
CA VAL B 7 -16.55 -16.44 -17.98
C VAL B 7 -15.64 -15.40 -17.33
N ALA B 8 -16.14 -14.18 -17.20
CA ALA B 8 -15.40 -13.08 -16.63
C ALA B 8 -16.20 -12.44 -15.50
N LEU B 9 -15.52 -12.17 -14.39
CA LEU B 9 -16.08 -11.46 -13.25
C LEU B 9 -15.39 -10.11 -13.12
N VAL B 10 -16.16 -9.03 -13.22
CA VAL B 10 -15.64 -7.67 -13.23
C VAL B 10 -16.23 -6.91 -12.07
N THR B 11 -15.39 -6.23 -11.31
CA THR B 11 -15.87 -5.42 -10.19
C THR B 11 -16.02 -3.96 -10.60
N GLY B 12 -17.02 -3.31 -10.02
CA GLY B 12 -17.30 -1.92 -10.32
C GLY B 12 -17.73 -1.68 -11.75
N ALA B 13 -18.65 -2.51 -12.25
CA ALA B 13 -19.03 -2.50 -13.65
C ALA B 13 -20.33 -1.76 -13.91
N ALA B 14 -20.89 -1.08 -12.91
CA ALA B 14 -22.12 -0.33 -13.12
C ALA B 14 -21.91 0.83 -14.08
N GLN B 15 -20.78 1.54 -13.95
CA GLN B 15 -20.53 2.72 -14.73
C GLN B 15 -19.04 2.86 -14.99
N GLY B 16 -18.72 3.56 -16.08
CA GLY B 16 -17.34 3.91 -16.37
C GLY B 16 -16.49 2.82 -16.96
N ILE B 17 -15.27 2.69 -16.43
CA ILE B 17 -14.28 1.79 -16.99
C ILE B 17 -14.76 0.35 -16.90
N GLY B 18 -15.39 -0.03 -15.80
CA GLY B 18 -15.90 -1.38 -15.68
C GLY B 18 -16.98 -1.68 -16.70
N ARG B 19 -17.88 -0.73 -16.94
CA ARG B 19 -18.91 -0.92 -17.95
C ARG B 19 -18.29 -1.07 -19.33
N ALA B 20 -17.26 -0.27 -19.63
CA ALA B 20 -16.58 -0.41 -20.91
C ALA B 20 -15.92 -1.78 -21.04
N PHE B 21 -15.29 -2.25 -19.96
CA PHE B 21 -14.71 -3.59 -19.96
C PHE B 21 -15.77 -4.64 -20.27
N ALA B 22 -16.91 -4.56 -19.60
CA ALA B 22 -17.97 -5.54 -19.80
C ALA B 22 -18.49 -5.50 -21.23
N GLU B 23 -18.66 -4.30 -21.78
CA GLU B 23 -19.15 -4.19 -23.14
C GLU B 23 -18.18 -4.81 -24.13
N ALA B 24 -16.88 -4.55 -23.95
CA ALA B 24 -15.88 -5.12 -24.84
C ALA B 24 -15.89 -6.65 -24.75
N LEU B 25 -15.92 -7.17 -23.53
CA LEU B 25 -15.91 -8.62 -23.35
C LEU B 25 -17.14 -9.27 -23.97
N LEU B 26 -18.31 -8.67 -23.78
CA LEU B 26 -19.53 -9.22 -24.37
C LEU B 26 -19.46 -9.18 -25.88
N LEU B 27 -18.91 -8.09 -26.44
CA LEU B 27 -18.76 -8.01 -27.89
C LEU B 27 -17.84 -9.10 -28.42
N LYS B 28 -16.78 -9.43 -27.69
CA LYS B 28 -15.88 -10.48 -28.13
C LYS B 28 -16.45 -11.88 -27.93
N GLY B 29 -17.55 -12.02 -27.21
CA GLY B 29 -18.24 -13.28 -27.11
C GLY B 29 -18.12 -14.01 -25.79
N ALA B 30 -18.18 -13.30 -24.67
CA ALA B 30 -17.99 -13.90 -23.36
C ALA B 30 -19.24 -13.72 -22.51
N LYS B 31 -19.25 -14.43 -21.38
CA LYS B 31 -20.30 -14.34 -20.38
C LYS B 31 -19.75 -13.58 -19.18
N VAL B 32 -20.50 -12.59 -18.71
CA VAL B 32 -19.99 -11.59 -17.79
C VAL B 32 -20.89 -11.48 -16.57
N ALA B 33 -20.27 -11.39 -15.40
CA ALA B 33 -20.93 -11.08 -14.14
C ALA B 33 -20.52 -9.69 -13.69
N LEU B 34 -21.50 -8.85 -13.38
CA LEU B 34 -21.29 -7.45 -13.02
C LEU B 34 -21.51 -7.30 -11.52
N VAL B 35 -20.49 -6.79 -10.82
CA VAL B 35 -20.52 -6.62 -9.37
C VAL B 35 -20.39 -5.14 -9.06
N ASP B 36 -21.36 -4.61 -8.32
CA ASP B 36 -21.33 -3.22 -7.88
C ASP B 36 -22.21 -3.09 -6.65
N TRP B 37 -21.92 -2.07 -5.84
CA TRP B 37 -22.72 -1.80 -4.64
C TRP B 37 -23.86 -0.82 -4.90
N ASN B 38 -23.95 -0.26 -6.10
CA ASN B 38 -25.05 0.60 -6.50
C ASN B 38 -26.05 -0.24 -7.28
N LEU B 39 -27.19 -0.53 -6.66
CA LEU B 39 -28.16 -1.45 -7.27
C LEU B 39 -28.80 -0.83 -8.51
N GLU B 40 -29.29 0.41 -8.37
CA GLU B 40 -30.02 1.06 -9.50
C GLU B 40 -29.12 1.15 -10.72
N ALA B 41 -27.87 1.62 -10.54
CA ALA B 41 -26.96 1.77 -11.66
C ALA B 41 -26.69 0.43 -12.33
N GLY B 42 -26.47 -0.62 -11.54
CA GLY B 42 -26.22 -1.93 -12.11
C GLY B 42 -27.41 -2.47 -12.87
N VAL B 43 -28.61 -2.29 -12.32
CA VAL B 43 -29.81 -2.76 -13.01
C VAL B 43 -29.98 -2.02 -14.33
N GLN B 44 -29.77 -0.70 -14.33
CA GLN B 44 -29.90 0.07 -15.56
C GLN B 44 -28.85 -0.37 -16.58
N CYS B 45 -27.62 -0.61 -16.12
CA CYS B 45 -26.57 -1.08 -17.02
C CYS B 45 -26.94 -2.43 -17.63
N LYS B 46 -27.44 -3.35 -16.81
CA LYS B 46 -27.83 -4.66 -17.35
C LYS B 46 -28.95 -4.53 -18.37
N ALA B 47 -29.93 -3.67 -18.09
CA ALA B 47 -30.99 -3.44 -19.05
C ALA B 47 -30.44 -2.88 -20.35
N ALA B 48 -29.48 -1.94 -20.27
CA ALA B 48 -28.89 -1.38 -21.47
C ALA B 48 -28.16 -2.45 -22.27
N LEU B 49 -27.41 -3.32 -21.59
CA LEU B 49 -26.69 -4.37 -22.30
C LEU B 49 -27.63 -5.43 -22.84
N ASP B 50 -28.76 -5.66 -22.16
CA ASP B 50 -29.74 -6.64 -22.64
C ASP B 50 -30.39 -6.22 -23.96
N GLU B 51 -30.28 -4.96 -24.36
CA GLU B 51 -30.80 -4.53 -25.64
C GLU B 51 -29.85 -4.80 -26.80
N GLN B 52 -28.59 -5.11 -26.52
CA GLN B 52 -27.59 -5.44 -27.53
C GLN B 52 -27.31 -6.93 -27.61
N PHE B 53 -26.97 -7.53 -26.48
CA PHE B 53 -26.59 -8.94 -26.45
C PHE B 53 -27.75 -9.78 -25.93
N GLU B 54 -27.63 -11.09 -25.86
CA GLU B 54 -28.63 -11.97 -25.29
C GLU B 54 -28.61 -11.87 -23.76
N PRO B 55 -29.77 -11.96 -23.10
CA PRO B 55 -29.77 -11.88 -21.63
C PRO B 55 -28.96 -12.96 -20.95
N GLN B 56 -28.97 -14.19 -21.50
CA GLN B 56 -28.32 -15.34 -20.83
C GLN B 56 -26.81 -15.15 -20.63
N LYS B 57 -26.22 -14.15 -21.29
CA LYS B 57 -24.75 -13.90 -21.17
C LYS B 57 -24.47 -12.83 -20.12
N THR B 58 -25.53 -12.28 -19.50
CA THR B 58 -25.35 -11.20 -18.52
C THR B 58 -25.83 -11.58 -17.13
N LEU B 59 -25.02 -11.34 -16.10
CA LEU B 59 -25.44 -11.61 -14.70
C LEU B 59 -25.13 -10.37 -13.86
N PHE B 60 -26.08 -9.90 -13.05
CA PHE B 60 -25.76 -8.75 -12.14
C PHE B 60 -25.92 -9.18 -10.67
N ILE B 61 -24.87 -9.02 -9.86
CA ILE B 61 -24.95 -9.32 -8.40
C ILE B 61 -24.58 -8.03 -7.66
N GLN B 62 -25.37 -7.64 -6.66
CA GLN B 62 -25.04 -6.42 -5.88
C GLN B 62 -24.33 -6.82 -4.59
N CYS B 63 -22.97 -6.42 -4.53
CA CYS B 63 -22.10 -6.79 -3.38
C CYS B 63 -21.11 -5.66 -3.04
N ASP B 64 -20.76 -5.50 -1.68
CA ASP B 64 -19.67 -4.55 -1.34
C ASP B 64 -18.36 -5.34 -1.32
N VAL B 65 -17.34 -4.87 -2.04
CA VAL B 65 -16.07 -5.65 -2.15
C VAL B 65 -15.37 -5.72 -0.78
N ALA B 66 -15.47 -4.69 0.05
CA ALA B 66 -14.78 -4.66 1.36
C ALA B 66 -15.18 -5.87 2.21
N ASP B 67 -16.49 -6.13 2.37
CA ASP B 67 -16.95 -7.26 3.15
C ASP B 67 -16.49 -8.56 2.49
N GLN B 68 -15.66 -9.32 3.20
CA GLN B 68 -15.07 -10.53 2.62
C GLN B 68 -16.13 -11.59 2.34
N GLN B 69 -17.07 -11.77 3.27
CA GLN B 69 -18.08 -12.81 3.10
C GLN B 69 -18.94 -12.54 1.88
N GLN B 70 -19.27 -11.27 1.63
CA GLN B 70 -20.04 -10.94 0.44
C GLN B 70 -19.27 -11.31 -0.82
N LEU B 71 -17.97 -10.99 -0.78
CA LEU B 71 -17.08 -11.33 -1.92
C LEU B 71 -17.00 -12.85 -2.10
N ARG B 72 -16.92 -13.60 -0.99
CA ARG B 72 -16.87 -15.09 -1.07
C ARG B 72 -18.22 -15.61 -1.62
N ASP B 73 -19.32 -14.97 -1.24
CA ASP B 73 -20.65 -15.47 -1.66
C ASP B 73 -20.91 -15.12 -3.13
N THR B 74 -20.38 -14.00 -3.60
CA THR B 74 -20.47 -13.58 -5.00
C THR B 74 -19.73 -14.54 -5.91
N PHE B 75 -18.47 -14.84 -5.54
CA PHE B 75 -17.60 -15.75 -6.32
C PHE B 75 -18.31 -17.10 -6.44
N ARG B 76 -18.80 -17.66 -5.38
CA ARG B 76 -19.52 -18.96 -5.39
C ARG B 76 -20.82 -18.85 -6.16
N LYS B 77 -21.54 -17.72 -6.11
CA LYS B 77 -22.80 -17.53 -6.86
C LYS B 77 -22.44 -17.54 -8.33
N VAL B 78 -21.35 -16.90 -8.71
CA VAL B 78 -20.90 -16.79 -10.13
C VAL B 78 -20.57 -18.17 -10.66
N VAL B 79 -19.82 -18.99 -9.94
CA VAL B 79 -19.40 -20.31 -10.39
C VAL B 79 -20.58 -21.27 -10.46
N ASP B 80 -21.43 -21.27 -9.43
CA ASP B 80 -22.57 -22.17 -9.44
C ASP B 80 -23.56 -21.84 -10.55
N HIS B 81 -23.53 -20.61 -11.08
CA HIS B 81 -24.44 -20.24 -12.15
C HIS B 81 -23.86 -20.58 -13.52
N PHE B 82 -22.61 -20.20 -13.78
CA PHE B 82 -22.04 -20.44 -15.10
C PHE B 82 -21.36 -21.80 -15.21
N GLY B 83 -20.39 -22.09 -14.35
CA GLY B 83 -19.74 -23.38 -14.34
C GLY B 83 -18.25 -23.34 -14.14
N ARG B 84 -17.63 -22.22 -14.53
CA ARG B 84 -16.17 -22.04 -14.31
C ARG B 84 -15.85 -20.54 -14.31
N LEU B 85 -14.72 -20.15 -13.73
CA LEU B 85 -14.29 -18.73 -13.78
C LEU B 85 -12.99 -18.73 -14.52
N ASP B 86 -12.84 -17.88 -15.54
CA ASP B 86 -11.66 -17.84 -16.42
C ASP B 86 -10.99 -16.46 -16.41
N ILE B 87 -11.70 -15.35 -16.21
CA ILE B 87 -11.15 -14.00 -16.18
C ILE B 87 -11.66 -13.27 -14.95
N LEU B 88 -10.76 -12.60 -14.24
CA LEU B 88 -11.12 -11.76 -13.10
C LEU B 88 -10.55 -10.36 -13.30
N VAL B 89 -11.38 -9.35 -13.03
CA VAL B 89 -10.97 -7.95 -13.13
C VAL B 89 -11.39 -7.24 -11.85
N ASN B 90 -10.41 -6.69 -11.14
CA ASN B 90 -10.64 -5.95 -9.90
C ASN B 90 -10.42 -4.47 -10.21
N ASN B 91 -11.51 -3.73 -10.32
CA ASN B 91 -11.49 -2.36 -10.80
C ASN B 91 -12.15 -1.35 -9.87
N ALA B 92 -12.96 -1.80 -8.92
CA ALA B 92 -13.66 -0.88 -8.03
C ALA B 92 -12.67 0.00 -7.26
N GLY B 93 -13.05 1.26 -7.08
CA GLY B 93 -12.22 2.19 -6.36
C GLY B 93 -12.97 3.47 -6.05
N VAL B 94 -12.42 4.22 -5.09
CA VAL B 94 -12.98 5.50 -4.66
C VAL B 94 -11.85 6.48 -4.42
N ASN B 95 -12.22 7.72 -4.10
CA ASN B 95 -11.27 8.76 -3.73
C ASN B 95 -11.86 9.56 -2.58
N ASN B 96 -11.29 9.40 -1.38
CA ASN B 96 -11.77 10.14 -0.22
C ASN B 96 -10.62 10.19 0.79
N GLU B 97 -10.02 11.37 0.95
CA GLU B 97 -8.96 11.55 1.93
C GLU B 97 -9.49 11.87 3.32
N LYS B 98 -10.70 12.40 3.43
CA LYS B 98 -11.29 12.63 4.74
C LYS B 98 -11.50 11.29 5.46
N ASN B 99 -12.17 10.36 4.81
CA ASN B 99 -12.32 8.99 5.32
C ASN B 99 -11.32 8.06 4.64
N TRP B 100 -10.06 8.26 5.01
CA TRP B 100 -8.89 7.68 4.29
C TRP B 100 -8.79 6.20 4.61
N GLU B 101 -9.41 5.76 5.71
CA GLU B 101 -9.37 4.36 6.11
C GLU B 101 -10.23 3.50 5.18
N LYS B 102 -11.46 3.96 4.91
CA LYS B 102 -12.34 3.22 4.00
C LYS B 102 -11.76 3.17 2.60
N THR B 103 -11.13 4.25 2.15
CA THR B 103 -10.51 4.27 0.84
C THR B 103 -9.41 3.22 0.75
N LEU B 104 -8.56 3.14 1.77
CA LEU B 104 -7.51 2.13 1.78
C LEU B 104 -8.12 0.73 1.80
N GLN B 105 -9.18 0.53 2.58
CA GLN B 105 -9.80 -0.78 2.65
C GLN B 105 -10.38 -1.21 1.31
N ILE B 106 -11.07 -0.30 0.62
CA ILE B 106 -11.70 -0.65 -0.65
C ILE B 106 -10.67 -0.85 -1.73
N ASN B 107 -9.69 0.05 -1.83
CA ASN B 107 -8.81 0.07 -2.99
C ASN B 107 -7.79 -1.07 -2.94
N LEU B 108 -7.22 -1.35 -1.77
CA LEU B 108 -6.10 -2.26 -1.66
C LEU B 108 -6.49 -3.63 -1.11
N VAL B 109 -7.15 -3.68 0.05
CA VAL B 109 -7.45 -4.95 0.69
C VAL B 109 -8.34 -5.81 -0.19
N SER B 110 -9.38 -5.20 -0.76
CA SER B 110 -10.33 -5.97 -1.56
C SER B 110 -9.66 -6.59 -2.78
N VAL B 111 -8.70 -5.89 -3.37
CA VAL B 111 -8.00 -6.41 -4.54
C VAL B 111 -7.27 -7.71 -4.18
N ILE B 112 -6.55 -7.69 -3.06
CA ILE B 112 -5.81 -8.87 -2.63
C ILE B 112 -6.75 -10.01 -2.30
N SER B 113 -7.84 -9.68 -1.59
CA SER B 113 -8.83 -10.72 -1.19
C SER B 113 -9.41 -11.36 -2.45
N GLY B 114 -9.73 -10.56 -3.47
CA GLY B 114 -10.29 -11.10 -4.70
C GLY B 114 -9.30 -11.93 -5.48
N THR B 115 -8.05 -11.48 -5.52
CA THR B 115 -7.01 -12.25 -6.20
C THR B 115 -6.87 -13.62 -5.57
N TYR B 116 -6.88 -13.67 -4.25
CA TYR B 116 -6.71 -14.95 -3.55
C TYR B 116 -7.95 -15.81 -3.77
N LEU B 117 -9.14 -15.26 -3.66
CA LEU B 117 -10.38 -16.04 -3.90
C LEU B 117 -10.33 -16.59 -5.33
N GLY B 118 -9.86 -15.74 -6.28
CA GLY B 118 -9.78 -16.21 -7.67
C GLY B 118 -8.77 -17.30 -7.92
N LEU B 119 -7.62 -17.26 -7.27
CA LEU B 119 -6.60 -18.31 -7.40
C LEU B 119 -7.14 -19.61 -6.79
N ASP B 120 -7.97 -19.50 -5.80
CA ASP B 120 -8.60 -20.68 -5.15
C ASP B 120 -9.48 -21.45 -6.14
N TYR B 121 -9.97 -20.81 -7.19
CA TYR B 121 -10.89 -21.45 -8.16
C TYR B 121 -10.13 -21.72 -9.47
N MET B 122 -9.33 -20.75 -9.93
CA MET B 122 -8.66 -20.89 -11.25
C MET B 122 -7.47 -21.86 -11.21
N SER B 123 -6.81 -21.99 -10.07
CA SER B 123 -5.58 -22.87 -10.05
C SER B 123 -5.63 -24.40 -10.37
N LYS B 124 -4.60 -24.81 -11.13
CA LYS B 124 -4.56 -26.24 -11.55
C LYS B 124 -4.45 -27.14 -10.32
N GLN B 125 -3.66 -26.73 -9.33
CA GLN B 125 -3.50 -27.53 -8.08
C GLN B 125 -4.88 -27.83 -7.48
N ASN B 126 -5.85 -26.93 -7.65
CA ASN B 126 -7.16 -27.12 -7.06
C ASN B 126 -8.20 -27.57 -8.08
N GLY B 127 -7.76 -28.08 -9.24
CA GLY B 127 -8.65 -28.63 -10.23
C GLY B 127 -8.94 -27.73 -11.42
N GLY B 128 -8.45 -26.50 -11.41
CA GLY B 128 -8.76 -25.55 -12.46
C GLY B 128 -7.94 -25.75 -13.71
N GLU B 129 -8.27 -24.93 -14.71
CA GLU B 129 -7.57 -24.92 -15.99
C GLU B 129 -6.94 -23.55 -16.27
N GLY B 130 -6.64 -22.81 -15.22
CA GLY B 130 -5.94 -21.55 -15.36
C GLY B 130 -6.86 -20.40 -15.76
N GLY B 131 -6.22 -19.27 -16.04
CA GLY B 131 -6.94 -18.07 -16.41
C GLY B 131 -6.08 -16.84 -16.21
N ILE B 132 -6.76 -15.68 -16.14
CA ILE B 132 -6.03 -14.39 -16.02
C ILE B 132 -6.74 -13.43 -15.05
N ILE B 133 -5.98 -12.82 -14.15
CA ILE B 133 -6.46 -11.84 -13.18
C ILE B 133 -5.82 -10.49 -13.50
N ILE B 134 -6.63 -9.44 -13.57
CA ILE B 134 -6.17 -8.09 -13.85
C ILE B 134 -6.65 -7.19 -12.72
N ASN B 135 -5.74 -6.36 -12.22
CA ASN B 135 -6.02 -5.42 -11.15
C ASN B 135 -5.77 -4.01 -11.65
N MET B 136 -6.69 -3.10 -11.36
CA MET B 136 -6.63 -1.75 -11.86
C MET B 136 -5.86 -0.85 -10.91
N SER B 137 -4.89 -0.12 -11.44
CA SER B 137 -4.12 0.86 -10.68
C SER B 137 -4.20 2.20 -11.36
N SER B 138 -3.35 3.13 -10.96
CA SER B 138 -3.30 4.46 -11.56
C SER B 138 -1.85 4.90 -11.70
N LEU B 139 -1.65 5.95 -12.50
CA LEU B 139 -0.33 6.57 -12.56
C LEU B 139 0.08 7.14 -11.21
N ALA B 140 -0.88 7.36 -10.31
CA ALA B 140 -0.55 7.73 -8.94
C ALA B 140 0.19 6.62 -8.21
N GLY B 141 0.16 5.40 -8.73
CA GLY B 141 0.92 4.30 -8.19
C GLY B 141 2.37 4.29 -8.57
N LEU B 142 2.79 5.21 -9.44
CA LEU B 142 4.19 5.36 -9.81
C LEU B 142 4.76 6.75 -9.57
N MET B 143 3.92 7.77 -9.39
CA MET B 143 4.36 9.11 -9.09
C MET B 143 3.58 9.64 -7.90
N PRO B 144 4.18 10.56 -7.14
CA PRO B 144 3.48 11.11 -5.97
C PRO B 144 2.53 12.25 -6.32
N VAL B 145 1.52 12.40 -5.48
CA VAL B 145 0.50 13.43 -5.63
C VAL B 145 0.28 14.09 -4.27
N ALA B 146 0.47 15.41 -4.21
CA ALA B 146 0.40 16.12 -2.94
C ALA B 146 -1.00 16.02 -2.32
N GLN B 147 -2.03 16.20 -3.15
CA GLN B 147 -3.41 16.28 -2.62
C GLN B 147 -4.07 14.91 -2.45
N GLN B 148 -3.41 13.81 -2.85
CA GLN B 148 -4.10 12.53 -2.73
C GLN B 148 -3.14 11.61 -2.00
N PRO B 149 -2.64 11.90 -0.77
CA PRO B 149 -1.61 11.04 -0.13
C PRO B 149 -2.07 9.58 0.04
N VAL B 150 -3.21 9.36 0.67
CA VAL B 150 -3.67 7.95 0.96
C VAL B 150 -4.00 7.24 -0.36
N TYR B 151 -4.61 7.94 -1.32
CA TYR B 151 -4.90 7.33 -2.63
C TYR B 151 -3.62 6.87 -3.30
N CYS B 152 -2.55 7.65 -3.21
CA CYS B 152 -1.25 7.27 -3.81
C CYS B 152 -0.76 6.02 -3.12
N ALA B 153 -0.91 5.91 -1.81
CA ALA B 153 -0.46 4.76 -1.02
C ALA B 153 -1.15 3.50 -1.49
N SER B 154 -2.44 3.53 -1.81
CA SER B 154 -3.21 2.35 -2.25
C SER B 154 -2.76 1.82 -3.62
N LYS B 155 -2.37 2.64 -4.59
CA LYS B 155 -1.97 2.22 -5.94
C LYS B 155 -0.58 1.60 -5.93
N HIS B 156 0.35 2.20 -5.18
CA HIS B 156 1.68 1.63 -5.04
C HIS B 156 1.60 0.21 -4.49
N GLY B 157 0.79 0.03 -3.45
CA GLY B 157 0.62 -1.31 -2.88
C GLY B 157 0.06 -2.30 -3.88
N ILE B 158 -0.90 -1.86 -4.69
CA ILE B 158 -1.47 -2.74 -5.70
C ILE B 158 -0.39 -3.19 -6.68
N VAL B 159 0.42 -2.24 -7.13
CA VAL B 159 1.48 -2.57 -8.09
C VAL B 159 2.44 -3.59 -7.49
N GLY B 160 2.88 -3.35 -6.26
CA GLY B 160 3.81 -4.27 -5.63
C GLY B 160 3.22 -5.66 -5.46
N PHE B 161 1.99 -5.73 -4.98
CA PHE B 161 1.34 -7.01 -4.76
C PHE B 161 1.20 -7.78 -6.07
N THR B 162 0.80 -7.11 -7.14
CA THR B 162 0.64 -7.78 -8.41
C THR B 162 1.97 -8.32 -8.92
N ARG B 163 3.02 -7.50 -8.84
CA ARG B 163 4.32 -7.95 -9.32
C ARG B 163 4.82 -9.15 -8.53
N SER B 164 4.63 -9.15 -7.21
CA SER B 164 5.08 -10.28 -6.41
C SER B 164 4.26 -11.54 -6.69
N ALA B 165 2.94 -11.39 -6.78
CA ALA B 165 2.07 -12.54 -6.96
C ALA B 165 2.28 -13.19 -8.32
N ALA B 166 2.68 -12.41 -9.33
CA ALA B 166 2.98 -13.01 -10.62
C ALA B 166 4.10 -14.05 -10.49
N LEU B 167 5.20 -13.67 -9.84
CA LEU B 167 6.31 -14.59 -9.64
C LEU B 167 5.90 -15.75 -8.75
N ALA B 168 5.10 -15.48 -7.72
CA ALA B 168 4.63 -16.56 -6.85
C ALA B 168 3.86 -17.59 -7.65
N ALA B 169 2.96 -17.13 -8.52
CA ALA B 169 2.19 -18.06 -9.35
C ALA B 169 3.08 -18.81 -10.31
N ASN B 170 4.08 -18.14 -10.89
CA ASN B 170 5.01 -18.85 -11.76
C ASN B 170 5.70 -19.98 -11.02
N LEU B 171 6.11 -19.74 -9.78
CA LEU B 171 6.74 -20.79 -9.00
C LEU B 171 5.76 -21.92 -8.68
N MET B 172 4.53 -21.68 -8.25
CA MET B 172 3.58 -22.77 -7.78
C MET B 172 2.99 -23.69 -8.87
N ASN B 173 3.09 -23.44 -10.16
CA ASN B 173 2.53 -24.21 -11.32
C ASN B 173 1.02 -24.08 -11.36
N SER B 174 0.50 -22.91 -11.04
CA SER B 174 -0.93 -22.55 -11.01
C SER B 174 -1.59 -22.38 -12.37
N GLY B 175 -0.89 -22.02 -13.47
CA GLY B 175 -1.53 -21.74 -14.72
C GLY B 175 -2.29 -20.44 -14.78
N VAL B 176 -1.94 -19.47 -13.94
CA VAL B 176 -2.63 -18.19 -13.85
C VAL B 176 -1.64 -17.07 -14.11
N ARG B 177 -2.08 -16.08 -14.89
CA ARG B 177 -1.28 -14.91 -15.21
C ARG B 177 -1.87 -13.68 -14.53
N LEU B 178 -0.99 -12.81 -14.03
CA LEU B 178 -1.40 -11.62 -13.29
C LEU B 178 -0.73 -10.39 -13.88
N ASN B 179 -1.54 -9.36 -14.17
CA ASN B 179 -1.04 -8.11 -14.73
C ASN B 179 -1.92 -6.97 -14.24
N ALA B 180 -1.41 -5.74 -14.39
CA ALA B 180 -2.11 -4.55 -13.90
C ALA B 180 -2.09 -3.46 -14.97
N ILE B 181 -3.04 -2.54 -14.83
CA ILE B 181 -3.20 -1.41 -15.75
C ILE B 181 -3.07 -0.12 -14.95
N CYS B 182 -2.37 0.85 -15.53
CA CYS B 182 -2.08 2.14 -14.89
C CYS B 182 -2.49 3.27 -15.83
N PRO B 183 -3.77 3.65 -15.84
CA PRO B 183 -4.22 4.67 -16.77
C PRO B 183 -3.95 6.08 -16.25
N GLY B 184 -4.09 7.04 -17.16
CA GLY B 184 -4.10 8.44 -16.82
C GLY B 184 -5.50 8.94 -16.54
N PHE B 185 -5.67 10.25 -16.66
CA PHE B 185 -6.98 10.85 -16.43
C PHE B 185 -8.00 10.26 -17.38
N VAL B 186 -9.14 9.84 -16.83
CA VAL B 186 -10.23 9.25 -17.59
C VAL B 186 -11.50 10.01 -17.28
N ASN B 187 -12.30 10.26 -18.32
CA ASN B 187 -13.53 11.02 -18.17
C ASN B 187 -14.60 10.21 -17.44
N THR B 188 -14.68 10.38 -16.13
CA THR B 188 -15.66 9.70 -15.30
C THR B 188 -16.13 10.66 -14.22
N ALA B 189 -17.10 10.20 -13.43
CA ALA B 189 -17.63 11.01 -12.34
C ALA B 189 -16.62 11.21 -11.22
N ILE B 190 -15.60 10.36 -11.12
CA ILE B 190 -14.65 10.45 -10.03
C ILE B 190 -13.96 11.81 -10.02
N LEU B 191 -13.75 12.40 -11.20
CA LEU B 191 -13.13 13.71 -11.27
C LEU B 191 -13.93 14.76 -10.50
N GLU B 192 -15.26 14.67 -10.55
CA GLU B 192 -16.10 15.60 -9.81
C GLU B 192 -15.83 15.56 -8.31
N SER B 193 -15.24 14.47 -7.79
CA SER B 193 -14.90 14.40 -6.38
C SER B 193 -13.85 15.42 -5.98
N ILE B 194 -13.13 15.99 -6.95
CA ILE B 194 -12.07 16.94 -6.62
C ILE B 194 -12.65 18.24 -6.05
N GLU B 195 -13.82 18.65 -6.52
CA GLU B 195 -14.31 19.99 -6.28
C GLU B 195 -15.12 20.12 -5.00
N LYS B 196 -15.19 19.02 -4.22
CA LYS B 196 -15.97 18.91 -2.98
C LYS B 196 -15.10 18.66 -1.75
N GLU B 197 -15.14 19.51 -0.72
CA GLU B 197 -14.43 19.32 0.59
C GLU B 197 -14.91 18.06 1.34
N GLU B 198 -16.10 17.55 1.07
CA GLU B 198 -16.55 16.27 1.59
C GLU B 198 -15.58 15.17 1.20
N ASN B 199 -15.02 15.15 0.01
CA ASN B 199 -14.09 14.11 -0.49
C ASN B 199 -12.64 14.53 -0.31
N MET B 200 -12.31 15.81 -0.18
CA MET B 200 -10.90 16.29 -0.15
C MET B 200 -10.41 16.67 1.23
N GLY B 201 -11.21 17.34 2.05
CA GLY B 201 -10.85 17.70 3.41
C GLY B 201 -9.93 18.89 3.44
N GLN B 202 -8.80 18.73 4.13
CA GLN B 202 -7.83 19.81 4.29
C GLN B 202 -7.10 20.13 2.99
N TYR B 203 -7.22 19.29 1.97
CA TYR B 203 -6.52 19.50 0.71
C TYR B 203 -7.35 20.23 -0.33
N ILE B 204 -8.55 20.70 0.02
CA ILE B 204 -9.42 21.35 -0.96
C ILE B 204 -8.80 22.64 -1.46
N GLU B 205 -8.11 23.37 -0.59
CA GLU B 205 -7.54 24.66 -0.96
C GLU B 205 -6.48 24.57 -2.04
N TYR B 206 -6.11 23.36 -2.48
CA TYR B 206 -5.06 23.16 -3.47
C TYR B 206 -5.52 22.30 -4.64
N LYS B 207 -6.81 22.37 -4.95
CA LYS B 207 -7.39 21.56 -6.06
C LYS B 207 -7.07 22.22 -7.42
N ASP B 208 -6.79 23.53 -7.42
CA ASP B 208 -6.54 24.23 -8.67
C ASP B 208 -5.35 23.63 -9.40
N HIS B 209 -4.39 23.09 -8.66
CA HIS B 209 -3.24 22.46 -9.29
C HIS B 209 -3.66 21.25 -10.12
N ILE B 210 -4.50 20.38 -9.54
CA ILE B 210 -4.99 19.22 -10.27
C ILE B 210 -5.83 19.68 -11.45
N LYS B 211 -6.63 20.73 -11.26
CA LYS B 211 -7.52 21.23 -12.34
C LYS B 211 -6.69 21.57 -13.57
N ASP B 212 -5.59 22.32 -13.40
CA ASP B 212 -4.71 22.68 -14.53
C ASP B 212 -4.07 21.42 -15.12
N MET B 213 -3.66 20.49 -14.24
CA MET B 213 -3.00 19.24 -14.72
C MET B 213 -3.99 18.44 -15.57
N ILE B 214 -5.26 18.35 -15.14
CA ILE B 214 -6.25 17.55 -15.90
C ILE B 214 -6.41 18.16 -17.30
N LYS B 215 -6.50 19.48 -17.38
CA LYS B 215 -6.68 20.17 -18.69
C LYS B 215 -5.43 19.93 -19.56
N TYR B 216 -4.23 20.09 -19.00
CA TYR B 216 -2.99 19.95 -19.80
C TYR B 216 -2.81 18.52 -20.27
N TYR B 217 -2.97 17.54 -19.36
CA TYR B 217 -2.72 16.12 -19.72
C TYR B 217 -3.83 15.60 -20.64
N GLY B 218 -4.97 16.30 -20.69
CA GLY B 218 -6.11 15.86 -21.52
C GLY B 218 -6.88 14.74 -20.84
N ILE B 219 -7.72 14.03 -21.61
CA ILE B 219 -8.58 12.96 -21.01
C ILE B 219 -8.54 11.71 -21.91
N LEU B 220 -8.82 10.54 -21.34
CA LEU B 220 -8.83 9.27 -22.12
C LEU B 220 -10.26 8.70 -22.10
N ASP B 221 -10.77 8.27 -23.25
CA ASP B 221 -12.12 7.64 -23.29
C ASP B 221 -12.06 6.26 -22.62
N PRO B 222 -13.06 5.86 -21.80
CA PRO B 222 -13.10 4.50 -21.22
C PRO B 222 -12.99 3.35 -22.25
N PRO B 223 -13.66 3.33 -23.44
CA PRO B 223 -13.45 2.24 -24.40
C PRO B 223 -11.97 2.06 -24.78
N LEU B 224 -11.23 3.16 -24.88
CA LEU B 224 -9.77 3.07 -25.18
C LEU B 224 -9.07 2.27 -24.09
N ILE B 225 -9.43 2.50 -22.82
CA ILE B 225 -8.85 1.70 -21.70
C ILE B 225 -9.28 0.25 -21.88
N ALA B 226 -10.53 0.03 -22.30
CA ALA B 226 -11.02 -1.34 -22.56
C ALA B 226 -10.26 -2.04 -23.68
N ASN B 227 -9.84 -1.34 -24.70
CA ASN B 227 -9.02 -1.95 -25.78
C ASN B 227 -7.72 -2.50 -25.18
N GLY B 228 -7.24 -1.94 -24.10
CA GLY B 228 -6.01 -2.41 -23.45
C GLY B 228 -6.18 -3.67 -22.68
N LEU B 229 -7.29 -3.83 -22.00
CA LEU B 229 -7.61 -5.06 -21.28
C LEU B 229 -7.70 -6.24 -22.24
N ILE B 230 -8.35 -6.05 -23.39
CA ILE B 230 -8.45 -7.13 -24.36
C ILE B 230 -7.07 -7.54 -24.85
N THR B 231 -6.21 -6.56 -25.10
CA THR B 231 -4.85 -6.86 -25.53
C THR B 231 -4.12 -7.69 -24.48
N LEU B 232 -4.28 -7.33 -23.21
CA LEU B 232 -3.66 -8.13 -22.15
C LEU B 232 -4.19 -9.56 -22.16
N ILE B 233 -5.51 -9.72 -22.29
CA ILE B 233 -6.08 -11.07 -22.23
C ILE B 233 -5.58 -11.92 -23.37
N GLU B 234 -5.55 -11.51 -24.58
CA GLU B 234 -5.22 -12.40 -25.72
C GLU B 234 -3.72 -12.74 -25.81
N ASP B 235 -2.85 -11.96 -25.06
CA ASP B 235 -1.43 -12.29 -25.09
C ASP B 235 -1.14 -13.35 -24.04
N ASP B 236 -0.62 -14.49 -24.49
CA ASP B 236 -0.40 -15.61 -23.58
C ASP B 236 0.84 -15.41 -22.72
N ALA B 237 1.88 -14.78 -23.25
CA ALA B 237 3.18 -14.70 -22.59
C ALA B 237 3.37 -13.41 -21.80
N LEU B 238 2.30 -12.85 -21.24
CA LEU B 238 2.38 -11.63 -20.45
C LEU B 238 1.97 -11.95 -19.02
N ASN B 239 2.94 -11.86 -18.10
CA ASN B 239 2.69 -12.11 -16.68
C ASN B 239 3.56 -11.17 -15.88
N GLY B 240 2.95 -10.46 -14.94
CA GLY B 240 3.68 -9.48 -14.14
C GLY B 240 4.00 -8.19 -14.84
N ALA B 241 3.21 -7.81 -15.84
CA ALA B 241 3.45 -6.60 -16.62
C ALA B 241 2.53 -5.48 -16.16
N ILE B 242 3.01 -4.25 -16.31
CA ILE B 242 2.26 -3.04 -15.95
C ILE B 242 2.00 -2.25 -17.22
N MET B 243 0.73 -1.95 -17.48
CA MET B 243 0.32 -1.18 -18.65
C MET B 243 0.08 0.27 -18.27
N LYS B 244 0.57 1.19 -19.11
CA LYS B 244 0.34 2.61 -18.97
C LYS B 244 -0.40 3.10 -20.21
N ILE B 245 -1.50 3.82 -20.00
CA ILE B 245 -2.28 4.40 -21.09
C ILE B 245 -2.23 5.92 -20.96
N THR B 246 -1.79 6.58 -22.02
CA THR B 246 -1.66 8.03 -22.04
C THR B 246 -2.15 8.58 -23.38
N THR B 247 -2.65 9.81 -23.35
CA THR B 247 -3.15 10.47 -24.55
C THR B 247 -2.03 10.88 -25.49
N SER B 248 -0.82 11.06 -24.97
CA SER B 248 0.30 11.49 -25.81
C SER B 248 0.96 10.30 -26.50
N LYS B 249 1.15 9.20 -25.77
CA LYS B 249 1.85 8.04 -26.28
C LYS B 249 0.89 6.94 -26.74
N GLY B 250 0.04 6.48 -25.84
CA GLY B 250 -0.88 5.40 -26.16
C GLY B 250 -0.82 4.30 -25.11
N ILE B 251 -0.73 3.05 -25.56
CA ILE B 251 -0.60 1.90 -24.68
C ILE B 251 0.87 1.48 -24.69
N HIS B 252 1.52 1.55 -23.52
CA HIS B 252 2.93 1.22 -23.40
C HIS B 252 3.14 0.48 -22.08
N PHE B 253 4.37 0.05 -21.84
CA PHE B 253 4.69 -0.80 -20.71
C PHE B 253 5.81 -0.21 -19.88
N GLN B 254 5.65 -0.28 -18.56
CA GLN B 254 6.71 0.13 -17.65
C GLN B 254 7.89 -0.84 -17.74
N ASP B 255 9.09 -0.30 -17.64
CA ASP B 255 10.31 -1.09 -17.73
C ASP B 255 11.06 -1.04 -16.40
N TYR B 256 11.58 -2.18 -15.99
CA TYR B 256 12.33 -2.28 -14.75
C TYR B 256 13.74 -2.82 -15.02
PA NAI C . 11.82 -6.93 15.24
O1A NAI C . 10.76 -7.97 15.14
O2A NAI C . 13.11 -7.30 15.89
O5B NAI C . 11.24 -5.62 15.92
C5B NAI C . 9.92 -5.12 15.63
C4B NAI C . 9.40 -4.46 16.89
O4B NAI C . 8.07 -3.94 16.62
C3B NAI C . 9.26 -5.39 18.10
O3B NAI C . 9.84 -4.80 19.26
C2B NAI C . 7.76 -5.56 18.26
O2B NAI C . 7.45 -5.74 19.62
C1B NAI C . 7.24 -4.24 17.72
N9A NAI C . 5.86 -4.29 17.26
C8A NAI C . 5.35 -5.07 16.25
N7A NAI C . 4.07 -4.90 16.06
C5A NAI C . 3.71 -3.92 16.98
C6A NAI C . 2.49 -3.31 17.27
N6A NAI C . 1.36 -3.58 16.62
N1A NAI C . 2.47 -2.38 18.24
C2A NAI C . 3.60 -2.10 18.88
N3A NAI C . 4.81 -2.63 18.70
C4A NAI C . 4.80 -3.54 17.72
O3 NAI C . 12.18 -6.42 13.78
PN NAI C . 12.95 -5.15 13.20
O1N NAI C . 13.81 -5.59 12.08
O2N NAI C . 13.57 -4.41 14.33
O5D NAI C . 11.70 -4.35 12.63
C5D NAI C . 11.67 -2.91 12.62
C4D NAI C . 11.16 -2.44 11.27
O4D NAI C . 12.19 -2.65 10.28
C3D NAI C . 9.91 -3.16 10.74
O3D NAI C . 9.01 -2.23 10.16
C2D NAI C . 10.51 -4.07 9.68
O2D NAI C . 9.58 -4.44 8.68
C1D NAI C . 11.59 -3.14 9.13
N1N NAI C . 12.63 -3.80 8.32
C2N NAI C . 13.30 -4.90 8.81
C3N NAI C . 14.28 -5.48 8.10
C7N NAI C . 15.08 -6.55 8.72
O7N NAI C . 15.63 -7.36 7.98
N7N NAI C . 15.21 -6.64 10.03
C4N NAI C . 14.49 -5.04 6.72
C5N NAI C . 14.01 -3.71 6.47
C6N NAI C . 12.96 -3.29 7.10
C15 SWL D . 13.38 -11.12 -4.19
C12 SWL D . 13.97 -10.83 -2.82
N4 SWL D . 13.96 -11.68 -1.82
C13 SWL D . 14.57 -11.09 -0.80
N3 SWL D . 14.57 -9.71 -2.48
C14 SWL D . 14.77 -8.57 -3.33
C11 SWL D . 14.94 -9.82 -1.21
C6 SWL D . 15.71 -8.80 -0.38
C5 SWL D . 16.90 -8.32 -0.88
C4 SWL D . 17.65 -7.39 -0.15
C3 SWL D . 18.96 -6.88 -0.69
N1 SWL D . 19.30 -6.73 -1.98
C2 SWL D . 20.55 -6.24 -2.20
C1 SWL D . 21.30 -5.98 -1.05
S1 SWL D . 20.28 -6.40 0.23
N2 SWL D . 17.21 -6.97 1.03
C8 SWL D . 16.08 -7.41 1.55
S2 SWL D . 15.30 -7.04 3.02
C7 SWL D . 15.27 -8.33 0.89
C9 SWL D . 14.07 -8.66 1.66
N5 SWL D . 13.06 -9.60 1.21
C10 SWL D . 13.93 -8.02 2.88
S3 SWL D . 12.60 -8.18 4.09
O1 SWL D . 11.92 -6.71 4.37
C16 SWL D . 13.36 -8.82 5.60
C17 SWL D . 12.33 -8.94 6.71
C18 SWL D . 11.69 -10.32 6.73
C19 SWL D . 10.27 -10.29 7.29
PA NAI E . -16.30 5.69 -11.12
O1A NAI E . -16.56 6.36 -9.82
O2A NAI E . -16.95 6.22 -12.34
O5B NAI E . -16.59 4.13 -11.00
C5B NAI E . -16.19 3.35 -9.85
C4B NAI E . -17.20 2.24 -9.68
O4B NAI E . -16.82 1.44 -8.53
C3B NAI E . -18.64 2.70 -9.44
O3B NAI E . -19.55 1.99 -10.27
C2B NAI E . -18.89 2.36 -7.98
O2B NAI E . -20.24 2.04 -7.77
C1B NAI E . -17.98 1.15 -7.78
N9A NAI E . -17.58 0.91 -6.40
C8A NAI E . -16.89 1.76 -5.59
N7A NAI E . -16.68 1.28 -4.40
C5A NAI E . -17.27 0.03 -4.42
C6A NAI E . -17.39 -0.98 -3.45
N6A NAI E . -16.90 -0.87 -2.22
N1A NAI E . -18.04 -2.10 -3.80
C2A NAI E . -18.53 -2.20 -5.04
N3A NAI E . -18.48 -1.32 -6.02
C4A NAI E . -17.83 -0.21 -5.66
O3 NAI E . -14.73 5.71 -11.40
PN NAI E . -13.79 4.93 -12.42
O1N NAI E . -12.80 5.87 -12.98
O2N NAI E . -14.63 4.14 -13.35
O5D NAI E . -13.05 3.96 -11.39
C5D NAI E . -12.57 2.66 -11.77
C4D NAI E . -11.16 2.47 -11.26
O4D NAI E . -10.26 3.25 -12.08
C3D NAI E . -10.88 2.92 -9.82
O3D NAI E . -10.09 1.96 -9.15
C2D NAI E . -10.13 4.22 -10.02
O2D NAI E . -9.31 4.57 -8.94
C1D NAI E . -9.32 3.84 -11.25
N1N NAI E . -8.71 4.97 -11.99
C2N NAI E . -9.47 6.05 -12.35
C3N NAI E . -8.94 7.08 -13.04
C7N NAI E . -9.84 8.10 -13.58
O7N NAI E . -9.38 9.23 -13.76
N7N NAI E . -11.11 7.84 -13.86
C4N NAI E . -7.49 7.12 -13.18
C5N NAI E . -6.87 5.82 -13.11
C6N NAI E . -7.39 4.91 -12.34
C15 SWL F . 1.06 15.33 -9.16
C12 SWL F . -0.14 14.88 -9.97
N4 SWL F . -1.36 15.35 -9.84
C13 SWL F . -2.14 14.72 -10.70
N3 SWL F . -0.13 13.94 -10.90
C14 SWL F . 1.04 13.18 -11.31
C11 SWL F . -1.36 13.80 -11.38
C6 SWL F . -1.82 12.86 -12.48
C5 SWL F . -1.16 12.93 -13.70
C4 SWL F . -1.56 12.10 -14.74
C3 SWL F . -0.84 12.16 -16.08
N1 SWL F . 0.43 12.48 -16.29
C2 SWL F . 0.82 12.49 -17.59
C1 SWL F . -0.18 12.15 -18.52
S1 SWL F . -1.55 11.86 -17.58
N2 SWL F . -2.57 11.25 -14.58
C8 SWL F . -3.23 11.17 -13.44
S2 SWL F . -4.55 10.18 -12.97
C7 SWL F . -2.90 11.95 -12.34
C9 SWL F . -3.76 11.68 -11.19
N5 SWL F . -3.64 12.35 -9.92
C10 SWL F . -4.74 10.70 -11.38
S3 SWL F . -5.99 10.12 -10.20
O1 SWL F . -5.83 8.50 -9.98
C16 SWL F . -7.60 10.52 -10.93
C17 SWL F . -8.73 10.01 -10.03
C18 SWL F . -9.16 11.07 -9.04
C19 SWL F . -9.73 10.45 -7.77
#